data_4UFG
#
_entry.id   4UFG
#
_cell.length_a   70.092
_cell.length_b   71.249
_cell.length_c   72.587
_cell.angle_alpha   90.00
_cell.angle_beta   100.53
_cell.angle_gamma   90.00
#
_symmetry.space_group_name_H-M   'C 1 2 1'
#
loop_
_entity.id
_entity.type
_entity.pdbx_description
1 polymer 'THROMBIN HEAVY CHAIN'
2 polymer 'HIRUDIN VARIANT-2'
3 polymer 'THROMBIN LIGHT CHAIN'
4 non-polymer 'SODIUM ION'
5 non-polymer (2S)-N-[(4-carbamimidoylphenyl)methyl]-2-[methyl-[(2R)-3-phenyl-2-[(phenylmethyl)sulfonylamino]propanoyl]amino]butanamide
6 non-polymer 'PHOSPHATE ION'
7 non-polymer 2-acetamido-2-deoxy-beta-D-glucopyranose
8 water water
#
loop_
_entity_poly.entity_id
_entity_poly.type
_entity_poly.pdbx_seq_one_letter_code
_entity_poly.pdbx_strand_id
1 'polypeptide(L)'
;IVEGSDAEIGMSPWQVMLFRKSPQELLCGASLISDRWVLTAAHCLLYPPWDKNFTENDLLVRIGKHSRTRYERNIEKISM
LEKIYIHPRYNWRENLDRDIALMKLKKPVAFSDYIHPVCLPDRETAASLLQAGYKGRVTGWGNLKETWTANVGKGQPSVL
QVVNLPIVERPVCKDSTRIRITDNMFCAGYKPDEGKRGDACEGDSGGPFVMKSPFNNRWYQMGIVSWGEGCDRDGKYGFY
THVFRLKKWIQKVIDQFG
;
H
2 'polypeptide(L)' GDFEEIPEE(TYS)LQ I
3 'polypeptide(L)' EADCGLRPLFEKKSLEDKTERELLESYID L
#
# COMPACT_ATOMS: atom_id res chain seq x y z
N ILE A 1 5.82 9.22 -3.16
CA ILE A 1 6.41 9.33 -1.83
C ILE A 1 7.30 10.55 -1.75
N VAL A 2 7.04 11.40 -0.77
CA VAL A 2 7.85 12.62 -0.58
C VAL A 2 8.87 12.40 0.53
N GLU A 3 10.10 12.83 0.29
CA GLU A 3 11.19 12.73 1.28
C GLU A 3 11.47 11.29 1.74
N GLY A 4 11.28 10.34 0.83
CA GLY A 4 11.69 8.97 1.07
C GLY A 4 12.98 8.64 0.35
N SER A 5 13.22 7.35 0.11
CA SER A 5 14.41 6.93 -0.59
C SER A 5 14.11 5.77 -1.54
N ASP A 6 15.07 5.44 -2.42
CA ASP A 6 14.92 4.28 -3.29
C ASP A 6 14.78 3.00 -2.48
N ALA A 7 13.81 2.17 -2.85
CA ALA A 7 13.69 0.83 -2.26
C ALA A 7 14.88 -0.04 -2.63
N GLU A 8 15.21 -0.98 -1.75
CA GLU A 8 16.16 -2.02 -2.10
C GLU A 8 15.44 -3.06 -2.97
N ILE A 9 16.20 -3.82 -3.74
CA ILE A 9 15.63 -4.89 -4.54
C ILE A 9 14.97 -5.92 -3.62
N GLY A 10 13.73 -6.28 -3.92
CA GLY A 10 13.00 -7.25 -3.13
C GLY A 10 12.59 -6.77 -1.75
N MET A 11 12.66 -5.47 -1.50
CA MET A 11 12.35 -4.93 -0.18
C MET A 11 10.87 -5.02 0.15
N SER A 12 10.05 -4.94 -0.89
N SER A 12 10.04 -4.90 -0.87
CA SER A 12 8.60 -4.89 -0.72
CA SER A 12 8.58 -4.91 -0.70
C SER A 12 7.93 -5.76 -1.77
C SER A 12 7.95 -5.77 -1.78
N PRO A 13 8.12 -7.10 -1.67
CA PRO A 13 7.72 -8.01 -2.74
C PRO A 13 6.22 -8.19 -2.87
N TRP A 14 5.47 -7.62 -1.93
CA TRP A 14 4.02 -7.55 -2.00
C TRP A 14 3.54 -6.30 -2.73
N GLN A 15 4.45 -5.38 -3.09
CA GLN A 15 3.98 -4.16 -3.76
CA GLN A 15 4.08 -4.17 -3.82
C GLN A 15 3.41 -4.48 -5.14
N VAL A 16 2.25 -3.90 -5.40
CA VAL A 16 1.56 -4.06 -6.68
C VAL A 16 1.36 -2.69 -7.30
N MET A 17 1.52 -2.61 -8.62
CA MET A 17 1.15 -1.43 -9.37
C MET A 17 -0.18 -1.63 -10.10
N LEU A 18 -1.12 -0.74 -9.84
N LEU A 18 -1.14 -0.75 -9.84
CA LEU A 18 -2.35 -0.70 -10.62
CA LEU A 18 -2.39 -0.73 -10.61
C LEU A 18 -2.09 0.14 -11.85
C LEU A 18 -2.15 0.13 -11.83
N PHE A 19 -2.29 -0.47 -13.01
CA PHE A 19 -1.88 0.15 -14.26
C PHE A 19 -3.06 0.29 -15.20
N ARG A 20 -3.29 1.52 -15.66
CA ARG A 20 -4.35 1.81 -16.61
C ARG A 20 -3.90 1.38 -18.00
N LYS A 21 -4.77 0.67 -18.71
CA LYS A 21 -4.46 0.13 -20.02
C LYS A 21 -4.34 1.24 -21.06
N SER A 22 -5.33 2.12 -21.07
CA SER A 22 -5.38 3.19 -22.07
C SER A 22 -6.01 4.44 -21.49
N PRO A 23 -5.24 5.54 -21.37
CA PRO A 23 -3.81 5.62 -21.71
C PRO A 23 -2.93 4.87 -20.71
N GLN A 24 -1.80 4.36 -21.15
CA GLN A 24 -0.89 3.62 -20.26
C GLN A 24 -0.34 4.55 -19.19
N GLU A 25 -0.77 4.36 -17.94
CA GLU A 25 -0.29 5.19 -16.85
C GLU A 25 -0.48 4.52 -15.49
N LEU A 26 0.29 4.99 -14.51
CA LEU A 26 0.13 4.55 -13.12
C LEU A 26 -1.21 5.04 -12.58
N LEU A 27 -1.98 4.12 -12.01
CA LEU A 27 -3.21 4.52 -11.33
C LEU A 27 -3.03 4.63 -9.82
N CYS A 28 -2.42 3.60 -9.25
CA CYS A 28 -2.39 3.47 -7.81
C CYS A 28 -1.41 2.41 -7.43
N GLY A 29 -1.13 2.32 -6.13
CA GLY A 29 -0.45 1.17 -5.57
C GLY A 29 -1.49 0.18 -5.11
N ALA A 30 -1.03 -0.96 -4.64
CA ALA A 30 -1.86 -2.06 -4.15
C ALA A 30 -0.91 -3.06 -3.50
N SER A 31 -1.45 -4.13 -2.92
CA SER A 31 -0.60 -5.12 -2.28
C SER A 31 -1.08 -6.53 -2.54
N LEU A 32 -0.13 -7.46 -2.58
CA LEU A 32 -0.44 -8.85 -2.81
C LEU A 32 -0.68 -9.55 -1.48
N ILE A 33 -1.86 -10.13 -1.29
CA ILE A 33 -2.14 -10.82 -0.01
C ILE A 33 -2.32 -12.34 -0.16
N SER A 34 -2.34 -12.83 -1.40
CA SER A 34 -2.36 -14.27 -1.67
C SER A 34 -2.00 -14.43 -3.14
N ASP A 35 -2.00 -15.65 -3.67
CA ASP A 35 -1.60 -15.76 -5.06
C ASP A 35 -2.69 -15.29 -6.02
N ARG A 36 -3.88 -14.99 -5.50
CA ARG A 36 -4.98 -14.57 -6.37
C ARG A 36 -5.70 -13.30 -5.91
N TRP A 37 -5.32 -12.75 -4.76
CA TRP A 37 -6.01 -11.56 -4.24
C TRP A 37 -5.07 -10.39 -4.01
N VAL A 38 -5.54 -9.21 -4.42
CA VAL A 38 -4.82 -7.95 -4.31
C VAL A 38 -5.68 -6.93 -3.57
N LEU A 39 -5.07 -6.24 -2.62
CA LEU A 39 -5.76 -5.27 -1.78
C LEU A 39 -5.39 -3.85 -2.24
N THR A 40 -6.38 -2.96 -2.29
CA THR A 40 -6.08 -1.59 -2.66
C THR A 40 -7.08 -0.65 -1.98
N ALA A 41 -7.00 0.63 -2.30
CA ALA A 41 -7.96 1.63 -1.82
C ALA A 41 -9.16 1.67 -2.77
N ALA A 42 -10.36 1.72 -2.22
CA ALA A 42 -11.57 1.83 -3.04
C ALA A 42 -11.51 3.05 -3.95
N HIS A 43 -10.94 4.15 -3.50
CA HIS A 43 -10.99 5.37 -4.30
C HIS A 43 -10.09 5.27 -5.54
N CYS A 44 -9.20 4.28 -5.56
CA CYS A 44 -8.43 4.00 -6.78
C CYS A 44 -9.32 3.49 -7.90
N LEU A 45 -10.45 2.88 -7.53
CA LEU A 45 -11.35 2.30 -8.50
C LEU A 45 -12.61 3.12 -8.69
N LEU A 46 -13.07 3.74 -7.60
CA LEU A 46 -14.34 4.44 -7.63
C LEU A 46 -14.23 5.76 -6.88
N TYR A 47 -14.32 6.86 -7.62
CA TYR A 47 -14.36 8.17 -6.96
C TYR A 47 -15.11 9.15 -7.87
N PRO A 48 -16.45 9.17 -7.73
CA PRO A 48 -17.30 10.00 -8.58
C PRO A 48 -16.95 11.50 -8.64
N PRO A 49 -16.45 12.12 -7.55
CA PRO A 49 -16.11 13.54 -7.71
C PRO A 49 -15.07 13.81 -8.81
N TRP A 50 -14.26 12.80 -9.12
CA TRP A 50 -13.26 12.92 -10.16
C TRP A 50 -13.61 12.12 -11.42
N ASP A 51 -14.88 11.74 -11.55
CA ASP A 51 -15.34 10.94 -12.69
C ASP A 51 -14.54 9.65 -12.84
N LYS A 52 -14.19 9.04 -11.71
CA LYS A 52 -13.46 7.78 -11.73
C LYS A 52 -14.38 6.61 -11.38
N ASN A 53 -14.49 5.65 -12.30
CA ASN A 53 -15.27 4.45 -12.07
C ASN A 53 -14.79 3.37 -12.97
N PHE A 54 -13.67 2.74 -12.60
CA PHE A 54 -13.06 1.73 -13.46
C PHE A 54 -13.78 0.40 -13.39
N THR A 55 -13.78 -0.33 -14.50
CA THR A 55 -14.23 -1.71 -14.52
C THR A 55 -13.00 -2.61 -14.65
N GLU A 56 -13.20 -3.92 -14.47
CA GLU A 56 -12.09 -4.86 -14.50
C GLU A 56 -11.23 -4.74 -15.74
N ASN A 57 -11.86 -4.65 -16.90
CA ASN A 57 -11.12 -4.67 -18.16
C ASN A 57 -10.34 -3.38 -18.43
N ASP A 58 -10.53 -2.36 -17.60
CA ASP A 58 -9.80 -1.11 -17.76
C ASP A 58 -8.35 -1.21 -17.28
N LEU A 59 -8.08 -2.22 -16.43
CA LEU A 59 -6.89 -2.22 -15.60
C LEU A 59 -6.04 -3.47 -15.72
N LEU A 60 -4.76 -3.30 -15.40
CA LEU A 60 -3.86 -4.43 -15.19
C LEU A 60 -3.21 -4.30 -13.84
N VAL A 61 -2.73 -5.41 -13.32
CA VAL A 61 -1.98 -5.46 -12.08
C VAL A 61 -0.57 -5.89 -12.45
N ARG A 62 0.43 -5.12 -12.01
CA ARG A 62 1.83 -5.43 -12.30
C ARG A 62 2.55 -5.70 -10.98
N ILE A 63 3.09 -6.89 -10.86
CA ILE A 63 3.61 -7.39 -9.59
C ILE A 63 5.10 -7.71 -9.75
N GLY A 64 5.87 -7.49 -8.67
CA GLY A 64 7.30 -7.72 -8.70
C GLY A 64 8.12 -6.58 -9.25
N LYS A 65 7.54 -5.38 -9.35
CA LYS A 65 8.21 -4.26 -9.98
C LYS A 65 9.15 -3.50 -9.05
N HIS A 66 10.12 -2.84 -9.67
CA HIS A 66 11.02 -1.92 -9.00
C HIS A 66 11.01 -0.60 -9.76
N SER A 67 11.44 -0.67 -11.02
CA SER A 67 11.36 0.50 -11.89
C SER A 67 9.93 0.94 -12.08
N ARG A 68 9.67 2.24 -12.06
CA ARG A 68 8.33 2.74 -12.32
C ARG A 68 7.88 2.52 -13.76
N THR A 69 8.70 2.94 -14.73
CA THR A 69 8.22 2.99 -16.12
C THR A 69 8.68 1.84 -17.01
N ARG A 70 9.75 1.16 -16.62
N ARG A 70 9.76 1.16 -16.64
CA ARG A 70 10.33 0.09 -17.43
CA ARG A 70 10.31 0.13 -17.51
C ARG A 70 9.42 -1.14 -17.44
C ARG A 70 9.51 -1.16 -17.43
N TYR A 71 9.44 -1.89 -18.54
CA TYR A 71 8.87 -3.23 -18.52
C TYR A 71 9.99 -4.16 -18.05
N GLU A 72 9.82 -4.71 -16.86
CA GLU A 72 10.90 -5.44 -16.20
C GLU A 72 10.84 -6.91 -16.56
N ARG A 73 11.28 -7.17 -17.79
CA ARG A 73 11.28 -8.49 -18.41
C ARG A 73 11.95 -9.52 -17.50
N ASN A 74 11.30 -10.68 -17.37
CA ASN A 74 11.75 -11.81 -16.54
C ASN A 74 11.67 -11.55 -15.03
N ILE A 75 11.08 -10.43 -14.64
CA ILE A 75 11.00 -10.09 -13.23
C ILE A 75 9.56 -9.77 -12.83
N GLU A 76 8.97 -8.77 -13.46
CA GLU A 76 7.60 -8.48 -13.11
C GLU A 76 6.66 -9.46 -13.77
N LYS A 77 5.48 -9.60 -13.19
CA LYS A 77 4.40 -10.38 -13.76
C LYS A 77 3.17 -9.52 -13.88
N ILE A 78 2.46 -9.64 -15.00
CA ILE A 78 1.30 -8.82 -15.27
C ILE A 78 0.05 -9.70 -15.27
N SER A 79 -0.91 -9.33 -14.44
CA SER A 79 -2.13 -10.11 -14.25
C SER A 79 -3.39 -9.33 -14.65
N MET A 80 -4.38 -10.05 -15.19
CA MET A 80 -5.65 -9.43 -15.51
C MET A 80 -6.62 -9.61 -14.34
N LEU A 81 -7.60 -8.72 -14.24
CA LEU A 81 -8.56 -8.76 -13.13
C LEU A 81 -9.78 -9.60 -13.47
N GLU A 82 -10.13 -10.51 -12.57
CA GLU A 82 -11.38 -11.25 -12.72
C GLU A 82 -12.56 -10.43 -12.17
N LYS A 83 -12.37 -9.84 -10.99
CA LYS A 83 -13.46 -9.13 -10.35
C LYS A 83 -12.94 -8.15 -9.32
N ILE A 84 -13.57 -6.99 -9.29
CA ILE A 84 -13.35 -5.96 -8.27
C ILE A 84 -14.44 -6.05 -7.21
N TYR A 85 -14.05 -5.91 -5.94
CA TYR A 85 -15.00 -5.86 -4.83
C TYR A 85 -14.71 -4.63 -3.99
N ILE A 86 -15.66 -3.70 -3.96
CA ILE A 86 -15.51 -2.48 -3.18
C ILE A 86 -16.33 -2.62 -1.90
N HIS A 87 -15.79 -2.13 -0.77
CA HIS A 87 -16.54 -2.21 0.48
C HIS A 87 -17.92 -1.57 0.29
N PRO A 88 -18.97 -2.28 0.72
CA PRO A 88 -20.34 -1.79 0.48
C PRO A 88 -20.67 -0.49 1.22
N ARG A 89 -19.90 -0.16 2.25
CA ARG A 89 -20.12 1.08 2.99
C ARG A 89 -18.96 2.06 2.80
N TYR A 90 -18.20 1.89 1.71
CA TYR A 90 -17.21 2.87 1.31
C TYR A 90 -17.88 4.24 1.10
N ASN A 91 -17.36 5.23 1.82
CA ASN A 91 -17.97 6.57 1.82
C ASN A 91 -17.18 7.53 0.93
N TRP A 92 -17.46 7.51 -0.37
CA TRP A 92 -16.78 8.41 -1.27
C TRP A 92 -17.42 9.80 -1.24
N ARG A 93 -18.60 9.90 -0.66
N ARG A 93 -18.60 9.89 -0.65
CA ARG A 93 -19.31 11.17 -0.64
CA ARG A 93 -19.31 11.17 -0.64
C ARG A 93 -18.70 12.18 0.32
C ARG A 93 -18.68 12.17 0.32
N GLU A 94 -18.20 11.68 1.46
CA GLU A 94 -17.77 12.58 2.52
C GLU A 94 -16.27 12.56 2.84
N ASN A 95 -15.80 11.46 3.42
CA ASN A 95 -14.49 11.44 4.04
C ASN A 95 -13.66 10.19 3.74
N LEU A 96 -14.08 9.42 2.74
CA LEU A 96 -13.38 8.18 2.35
C LEU A 96 -13.36 7.13 3.47
N ASP A 97 -14.37 7.16 4.34
CA ASP A 97 -14.51 6.11 5.34
C ASP A 97 -14.57 4.74 4.65
N ARG A 98 -13.83 3.77 5.19
CA ARG A 98 -13.76 2.41 4.65
C ARG A 98 -13.22 2.40 3.22
N ASP A 99 -12.07 3.03 3.03
CA ASP A 99 -11.47 3.17 1.71
C ASP A 99 -10.68 1.91 1.37
N ILE A 100 -11.39 0.87 0.94
CA ILE A 100 -10.78 -0.44 0.79
C ILE A 100 -11.50 -1.21 -0.33
N ALA A 101 -10.72 -1.94 -1.11
CA ALA A 101 -11.26 -2.77 -2.17
C ALA A 101 -10.36 -3.96 -2.37
N LEU A 102 -10.95 -5.06 -2.84
CA LEU A 102 -10.21 -6.25 -3.21
C LEU A 102 -10.31 -6.49 -4.71
N MET A 103 -9.26 -7.08 -5.28
CA MET A 103 -9.27 -7.47 -6.67
C MET A 103 -8.86 -8.93 -6.77
N LYS A 104 -9.70 -9.75 -7.40
CA LYS A 104 -9.34 -11.15 -7.64
C LYS A 104 -8.69 -11.28 -9.01
N LEU A 105 -7.53 -11.94 -9.07
CA LEU A 105 -6.83 -12.11 -10.34
C LEU A 105 -7.42 -13.26 -11.14
N LYS A 106 -7.32 -13.17 -12.47
CA LYS A 106 -7.84 -14.23 -13.32
C LYS A 106 -7.07 -15.55 -13.13
N LYS A 107 -5.78 -15.44 -12.88
CA LYS A 107 -4.92 -16.60 -12.68
C LYS A 107 -3.98 -16.35 -11.53
N PRO A 108 -3.58 -17.40 -10.80
CA PRO A 108 -2.64 -17.17 -9.70
C PRO A 108 -1.30 -16.65 -10.20
N VAL A 109 -0.66 -15.78 -9.43
CA VAL A 109 0.66 -15.29 -9.78
C VAL A 109 1.70 -16.19 -9.13
N ALA A 110 2.76 -16.50 -9.85
CA ALA A 110 3.84 -17.32 -9.33
C ALA A 110 4.73 -16.49 -8.41
N PHE A 111 4.99 -17.01 -7.21
CA PHE A 111 5.86 -16.29 -6.27
C PHE A 111 7.31 -16.42 -6.72
N SER A 112 8.13 -15.44 -6.36
CA SER A 112 9.54 -15.43 -6.72
C SER A 112 10.32 -14.62 -5.69
N ASP A 113 11.60 -14.36 -5.98
CA ASP A 113 12.37 -13.46 -5.11
C ASP A 113 11.73 -12.07 -5.03
N TYR A 114 10.94 -11.70 -6.03
CA TYR A 114 10.44 -10.34 -6.17
C TYR A 114 8.94 -10.23 -5.88
N ILE A 115 8.30 -11.39 -5.70
CA ILE A 115 6.85 -11.50 -5.61
C ILE A 115 6.47 -12.40 -4.44
N HIS A 116 5.84 -11.82 -3.43
CA HIS A 116 5.52 -12.56 -2.21
C HIS A 116 4.46 -11.81 -1.41
N PRO A 117 3.49 -12.54 -0.86
CA PRO A 117 2.41 -11.85 -0.14
C PRO A 117 2.79 -11.33 1.23
N VAL A 118 2.13 -10.24 1.61
CA VAL A 118 2.25 -9.67 2.93
C VAL A 118 1.18 -10.31 3.82
N CYS A 119 1.41 -10.36 5.13
CA CYS A 119 0.38 -10.83 6.07
C CYS A 119 -0.66 -9.77 6.38
N LEU A 120 -1.88 -10.21 6.68
CA LEU A 120 -2.86 -9.30 7.28
C LEU A 120 -2.90 -9.52 8.77
N PRO A 121 -3.04 -8.44 9.54
CA PRO A 121 -2.95 -8.50 11.00
C PRO A 121 -4.13 -9.22 11.65
N ASP A 122 -3.82 -9.95 12.72
N ASP A 122 -3.88 -9.98 12.70
CA ASP A 122 -4.80 -10.47 13.66
CA ASP A 122 -5.00 -10.42 13.53
C ASP A 122 -5.15 -9.35 14.65
C ASP A 122 -5.12 -9.43 14.68
N ARG A 123 -6.14 -9.59 15.50
CA ARG A 123 -6.49 -8.62 16.54
C ARG A 123 -5.31 -8.27 17.47
N GLU A 124 -4.56 -9.29 17.86
CA GLU A 124 -3.50 -9.11 18.84
C GLU A 124 -2.32 -8.34 18.24
N THR A 125 -1.97 -8.65 17.00
CA THR A 125 -0.86 -7.98 16.35
C THR A 125 -1.24 -6.51 16.14
N ALA A 126 -2.48 -6.26 15.74
CA ALA A 126 -2.98 -4.90 15.57
C ALA A 126 -2.90 -4.13 16.90
N ALA A 127 -3.39 -4.74 17.97
CA ALA A 127 -3.43 -4.08 19.27
C ALA A 127 -2.01 -3.76 19.75
N SER A 128 -1.09 -4.69 19.52
CA SER A 128 0.29 -4.52 19.95
C SER A 128 1.01 -3.42 19.19
N LEU A 129 0.77 -3.34 17.88
CA LEU A 129 1.61 -2.52 17.02
C LEU A 129 1.01 -1.18 16.65
N LEU A 130 -0.32 -1.07 16.66
CA LEU A 130 -0.95 0.20 16.26
C LEU A 130 -0.96 1.17 17.40
N GLN A 131 0.22 1.70 17.72
CA GLN A 131 0.37 2.59 18.86
C GLN A 131 1.09 3.84 18.42
N ALA A 132 0.72 4.98 18.98
CA ALA A 132 1.37 6.24 18.65
C ALA A 132 2.88 6.13 18.88
N GLY A 133 3.65 6.59 17.90
CA GLY A 133 5.10 6.53 18.00
C GLY A 133 5.69 5.33 17.29
N TYR A 134 4.94 4.24 17.22
CA TYR A 134 5.41 3.05 16.50
C TYR A 134 5.46 3.37 15.01
N LYS A 135 6.55 2.98 14.35
CA LYS A 135 6.74 3.33 12.95
C LYS A 135 6.31 2.22 12.00
N GLY A 136 5.71 2.62 10.88
CA GLY A 136 5.43 1.70 9.80
C GLY A 136 6.14 2.17 8.56
N ARG A 137 5.96 1.44 7.47
CA ARG A 137 6.66 1.73 6.24
C ARG A 137 5.68 1.86 5.07
N VAL A 138 5.82 2.93 4.29
CA VAL A 138 4.96 3.18 3.14
C VAL A 138 5.80 3.15 1.88
N THR A 139 5.26 2.53 0.83
CA THR A 139 6.00 2.37 -0.43
C THR A 139 5.11 2.75 -1.60
N GLY A 140 5.72 3.28 -2.66
CA GLY A 140 4.96 3.64 -3.83
C GLY A 140 5.74 4.33 -4.94
N TRP A 141 5.10 4.45 -6.09
CA TRP A 141 5.68 5.12 -7.25
C TRP A 141 5.04 6.49 -7.49
N GLY A 142 4.37 7.01 -6.47
CA GLY A 142 3.70 8.29 -6.56
C GLY A 142 4.65 9.47 -6.63
N ASN A 143 4.08 10.67 -6.70
CA ASN A 143 4.88 11.88 -6.86
C ASN A 143 5.88 12.12 -5.73
N LEU A 144 7.03 12.69 -6.09
CA LEU A 144 8.08 12.99 -5.12
C LEU A 144 7.84 14.31 -4.39
N LYS A 145 6.93 15.12 -4.94
CA LYS A 145 6.60 16.42 -4.36
C LYS A 145 5.12 16.70 -4.57
N GLU A 146 4.53 17.51 -3.72
CA GLU A 146 3.12 17.85 -3.85
C GLU A 146 2.85 18.55 -5.17
N THR A 147 3.75 19.46 -5.54
CA THR A 147 3.66 20.17 -6.82
C THR A 147 5.02 20.20 -7.50
N GLY A 155 9.83 15.41 -9.60
CA GLY A 155 8.59 15.01 -10.23
C GLY A 155 8.18 13.58 -9.91
N GLN A 156 8.55 12.64 -10.77
CA GLN A 156 8.19 11.24 -10.58
C GLN A 156 9.43 10.35 -10.48
N PRO A 157 9.38 9.33 -9.61
CA PRO A 157 10.57 8.53 -9.30
C PRO A 157 10.95 7.54 -10.40
N SER A 158 12.24 7.24 -10.53
CA SER A 158 12.70 6.21 -11.44
C SER A 158 12.34 4.83 -10.89
N VAL A 159 12.47 4.65 -9.57
CA VAL A 159 12.15 3.36 -8.96
C VAL A 159 11.26 3.53 -7.70
N LEU A 160 10.75 2.40 -7.23
CA LEU A 160 9.92 2.35 -6.03
C LEU A 160 10.55 3.13 -4.88
N GLN A 161 9.73 3.94 -4.21
CA GLN A 161 10.19 4.74 -3.08
C GLN A 161 9.69 4.18 -1.76
N VAL A 162 10.45 4.43 -0.70
CA VAL A 162 10.10 3.93 0.62
CA VAL A 162 10.15 3.92 0.63
C VAL A 162 10.30 5.02 1.67
N VAL A 163 9.41 5.05 2.66
CA VAL A 163 9.60 5.95 3.80
C VAL A 163 9.00 5.32 5.05
N ASN A 164 9.71 5.47 6.17
CA ASN A 164 9.23 5.01 7.47
C ASN A 164 8.62 6.18 8.21
N LEU A 165 7.44 5.98 8.79
CA LEU A 165 6.70 7.08 9.43
C LEU A 165 6.05 6.62 10.72
N PRO A 166 6.09 7.46 11.76
CA PRO A 166 5.44 7.09 13.03
C PRO A 166 3.93 7.27 13.01
N ILE A 167 3.22 6.34 13.63
CA ILE A 167 1.80 6.49 13.88
C ILE A 167 1.58 7.66 14.85
N VAL A 168 0.54 8.43 14.63
CA VAL A 168 0.29 9.65 15.40
C VAL A 168 -0.92 9.45 16.33
N GLU A 169 -0.84 10.04 17.52
CA GLU A 169 -1.94 10.05 18.48
C GLU A 169 -3.23 10.53 17.82
N ARG A 170 -4.34 9.84 18.09
CA ARG A 170 -5.58 10.16 17.41
C ARG A 170 -6.07 11.60 17.63
N PRO A 171 -5.90 12.17 18.85
CA PRO A 171 -6.30 13.58 19.00
C PRO A 171 -5.49 14.53 18.11
N VAL A 172 -4.21 14.22 17.92
CA VAL A 172 -3.37 15.04 17.05
C VAL A 172 -3.83 14.91 15.59
N CYS A 173 -4.12 13.67 15.16
CA CYS A 173 -4.71 13.48 13.83
C CYS A 173 -5.98 14.33 13.65
N LYS A 174 -6.87 14.26 14.62
CA LYS A 174 -8.16 14.94 14.55
C LYS A 174 -7.96 16.45 14.48
N ASP A 175 -7.03 16.97 15.29
CA ASP A 175 -6.80 18.39 15.37
C ASP A 175 -6.02 18.96 14.17
N SER A 176 -5.56 18.07 13.28
CA SER A 176 -4.77 18.52 12.13
C SER A 176 -5.63 18.81 10.90
N THR A 177 -6.93 18.57 11.00
CA THR A 177 -7.79 18.59 9.81
C THR A 177 -9.22 18.96 10.15
N ARG A 178 -9.98 19.44 9.16
CA ARG A 178 -11.40 19.70 9.36
C ARG A 178 -12.23 18.49 8.91
N ILE A 179 -11.58 17.53 8.27
CA ILE A 179 -12.26 16.34 7.78
C ILE A 179 -12.63 15.43 8.95
N ARG A 180 -13.80 14.80 8.87
CA ARG A 180 -14.23 13.91 9.93
C ARG A 180 -13.46 12.60 9.90
N ILE A 181 -12.69 12.33 10.96
CA ILE A 181 -11.92 11.10 11.05
C ILE A 181 -12.80 10.01 11.69
N THR A 182 -12.59 8.76 11.30
CA THR A 182 -13.34 7.63 11.87
C THR A 182 -12.39 6.57 12.41
N ASP A 183 -12.96 5.61 13.14
CA ASP A 183 -12.18 4.50 13.68
C ASP A 183 -11.61 3.62 12.56
N ASN A 184 -12.07 3.80 11.32
CA ASN A 184 -11.56 3.01 10.20
C ASN A 184 -10.34 3.68 9.55
N MET A 185 -9.83 4.72 10.20
CA MET A 185 -8.65 5.45 9.73
C MET A 185 -7.62 5.59 10.84
N PHE A 186 -6.34 5.68 10.45
CA PHE A 186 -5.34 6.21 11.36
C PHE A 186 -4.44 7.15 10.59
N CYS A 187 -3.65 7.94 11.29
CA CYS A 187 -2.76 8.84 10.58
C CYS A 187 -1.33 8.64 11.04
N ALA A 188 -0.40 9.00 10.17
CA ALA A 188 1.01 8.83 10.45
C ALA A 188 1.83 9.93 9.80
N GLY A 189 2.97 10.21 10.39
CA GLY A 189 3.89 11.19 9.85
C GLY A 189 4.57 11.91 11.01
N TYR A 190 5.61 12.67 10.69
CA TYR A 190 6.30 13.43 11.72
C TYR A 190 5.61 14.76 12.01
N LYS A 191 5.75 15.22 13.24
CA LYS A 191 5.29 16.54 13.64
C LYS A 191 6.32 17.58 13.23
N PRO A 192 5.89 18.84 13.07
CA PRO A 192 6.83 19.92 12.72
C PRO A 192 8.04 19.95 13.65
N ASP A 193 7.83 19.76 14.95
CA ASP A 193 8.92 19.87 15.91
C ASP A 193 9.91 18.71 15.81
N GLU A 194 9.51 17.62 15.15
CA GLU A 194 10.33 16.41 15.13
C GLU A 194 11.42 16.47 14.06
N GLY A 195 11.38 17.50 13.20
CA GLY A 195 12.43 17.69 12.22
C GLY A 195 12.35 16.81 10.98
N LYS A 196 12.34 15.49 11.18
CA LYS A 196 12.27 14.55 10.07
C LYS A 196 10.99 14.73 9.26
N ARG A 197 10.99 14.25 8.03
CA ARG A 197 9.87 14.47 7.12
C ARG A 197 9.44 13.21 6.41
N GLY A 198 8.45 13.34 5.54
CA GLY A 198 8.03 12.25 4.68
C GLY A 198 6.54 12.02 4.68
N ASP A 199 6.02 11.56 3.55
CA ASP A 199 4.58 11.35 3.39
C ASP A 199 4.36 10.55 2.12
N ALA A 200 3.20 9.90 2.03
CA ALA A 200 2.72 9.45 0.74
C ALA A 200 2.22 10.65 -0.07
N CYS A 201 1.94 10.44 -1.35
CA CYS A 201 1.42 11.52 -2.19
C CYS A 201 0.54 10.94 -3.29
N GLU A 202 0.10 11.79 -4.23
CA GLU A 202 -0.64 11.34 -5.41
C GLU A 202 0.06 10.18 -6.09
N GLY A 203 -0.68 9.11 -6.36
CA GLY A 203 -0.12 7.96 -7.05
C GLY A 203 0.29 6.85 -6.10
N ASP A 204 0.46 7.18 -4.82
CA ASP A 204 0.79 6.19 -3.79
C ASP A 204 -0.45 5.53 -3.21
N SER A 205 -1.62 6.13 -3.47
CA SER A 205 -2.87 5.60 -2.95
C SER A 205 -3.05 4.14 -3.23
N GLY A 206 -3.63 3.41 -2.27
CA GLY A 206 -3.87 2.00 -2.44
C GLY A 206 -2.69 1.13 -2.00
N GLY A 207 -1.52 1.75 -1.87
CA GLY A 207 -0.32 1.05 -1.46
C GLY A 207 -0.34 0.77 0.03
N PRO A 208 0.59 -0.08 0.49
CA PRO A 208 0.54 -0.57 1.86
C PRO A 208 1.35 0.25 2.85
N PHE A 209 0.82 0.33 4.08
CA PHE A 209 1.55 0.79 5.25
C PHE A 209 1.83 -0.47 6.04
N VAL A 210 3.09 -0.88 6.11
CA VAL A 210 3.40 -2.16 6.75
C VAL A 210 4.26 -2.00 8.00
N MET A 211 4.21 -3.01 8.85
CA MET A 211 4.99 -3.01 10.08
C MET A 211 5.59 -4.40 10.24
N LYS A 212 6.80 -4.46 10.80
CA LYS A 212 7.43 -5.76 11.00
C LYS A 212 7.27 -6.19 12.45
N SER A 213 6.50 -7.25 12.66
CA SER A 213 6.24 -7.67 14.02
C SER A 213 7.55 -8.09 14.69
N PRO A 214 7.83 -7.55 15.87
CA PRO A 214 9.03 -7.95 16.62
C PRO A 214 8.82 -9.28 17.35
N PHE A 215 7.60 -9.80 17.29
CA PHE A 215 7.27 -11.06 17.95
C PHE A 215 7.56 -12.25 17.04
N ASN A 216 7.21 -12.14 15.76
CA ASN A 216 7.46 -13.26 14.86
C ASN A 216 8.23 -12.89 13.58
N ASN A 217 8.70 -11.64 13.54
CA ASN A 217 9.55 -11.13 12.47
C ASN A 217 8.92 -11.24 11.07
N ARG A 218 7.60 -11.12 11.03
CA ARG A 218 6.86 -11.08 9.77
C ARG A 218 6.31 -9.70 9.49
N TRP A 219 6.21 -9.34 8.22
CA TRP A 219 5.60 -8.08 7.83
C TRP A 219 4.09 -8.19 7.73
N TYR A 220 3.42 -7.22 8.35
CA TYR A 220 1.97 -7.13 8.37
C TYR A 220 1.51 -5.84 7.74
N GLN A 221 0.45 -5.89 6.93
CA GLN A 221 -0.09 -4.64 6.38
C GLN A 221 -1.17 -4.05 7.30
N MET A 222 -0.85 -2.94 7.93
CA MET A 222 -1.75 -2.32 8.90
C MET A 222 -2.62 -1.27 8.25
N GLY A 223 -2.11 -0.69 7.17
CA GLY A 223 -2.83 0.43 6.57
C GLY A 223 -2.79 0.43 5.06
N ILE A 224 -3.70 1.21 4.47
CA ILE A 224 -3.72 1.46 3.03
C ILE A 224 -3.63 2.96 2.82
N VAL A 225 -2.72 3.41 1.95
CA VAL A 225 -2.65 4.86 1.64
C VAL A 225 -4.00 5.34 1.13
N SER A 226 -4.59 6.32 1.82
CA SER A 226 -5.96 6.74 1.54
C SER A 226 -6.10 8.23 1.21
N TRP A 227 -5.69 9.11 2.11
CA TRP A 227 -5.86 10.54 1.85
C TRP A 227 -4.93 11.42 2.68
N GLY A 228 -4.90 12.70 2.32
CA GLY A 228 -4.01 13.64 2.96
C GLY A 228 -4.24 15.01 2.33
N GLU A 229 -4.03 16.05 3.12
CA GLU A 229 -4.17 17.42 2.62
C GLU A 229 -2.82 17.89 2.08
N GLY A 230 -2.69 17.92 0.76
CA GLY A 230 -1.39 18.12 0.14
C GLY A 230 -0.50 16.92 0.37
N CYS A 231 0.81 17.11 0.30
CA CYS A 231 1.76 16.06 0.62
C CYS A 231 2.92 16.65 1.42
N ASP A 232 3.28 15.98 2.52
CA ASP A 232 4.40 16.38 3.38
C ASP A 232 4.32 17.83 3.85
N ARG A 233 3.10 18.33 4.07
CA ARG A 233 2.93 19.66 4.65
C ARG A 233 3.17 19.64 6.14
N ASP A 234 3.85 20.66 6.66
CA ASP A 234 3.99 20.77 8.12
C ASP A 234 2.62 20.82 8.78
N GLY A 235 2.43 20.00 9.80
CA GLY A 235 1.21 20.04 10.57
C GLY A 235 0.09 19.22 9.97
N LYS A 236 0.32 18.66 8.78
CA LYS A 236 -0.62 17.71 8.19
C LYS A 236 -0.07 16.29 8.34
N TYR A 237 -0.94 15.30 8.23
CA TYR A 237 -0.53 13.90 8.34
C TYR A 237 -1.17 13.08 7.23
N GLY A 238 -0.55 11.96 6.89
CA GLY A 238 -1.12 11.03 5.95
C GLY A 238 -2.17 10.19 6.63
N PHE A 239 -3.29 9.92 5.96
CA PHE A 239 -4.31 9.07 6.53
C PHE A 239 -4.40 7.76 5.79
N TYR A 240 -4.62 6.71 6.58
CA TYR A 240 -4.52 5.33 6.12
C TYR A 240 -5.75 4.54 6.52
N THR A 241 -6.23 3.71 5.59
CA THR A 241 -7.32 2.81 5.93
C THR A 241 -6.84 1.82 6.96
N HIS A 242 -7.63 1.62 8.02
CA HIS A 242 -7.31 0.72 9.12
C HIS A 242 -7.65 -0.72 8.73
N VAL A 243 -6.65 -1.47 8.24
CA VAL A 243 -6.92 -2.78 7.65
C VAL A 243 -7.56 -3.75 8.64
N PHE A 244 -7.07 -3.79 9.87
CA PHE A 244 -7.64 -4.75 10.79
C PHE A 244 -9.13 -4.47 11.06
N ARG A 245 -9.50 -3.21 11.16
CA ARG A 245 -10.90 -2.85 11.44
C ARG A 245 -11.82 -3.38 10.36
N LEU A 246 -11.29 -3.54 9.14
CA LEU A 246 -12.11 -4.00 8.04
C LEU A 246 -11.80 -5.45 7.62
N LYS A 247 -11.08 -6.19 8.46
CA LYS A 247 -10.66 -7.54 8.09
C LYS A 247 -11.84 -8.52 7.98
N LYS A 248 -12.88 -8.32 8.79
CA LYS A 248 -14.05 -9.19 8.68
C LYS A 248 -14.68 -9.10 7.29
N TRP A 249 -14.67 -7.90 6.71
CA TRP A 249 -15.19 -7.74 5.35
C TRP A 249 -14.27 -8.45 4.36
N ILE A 250 -12.97 -8.25 4.54
CA ILE A 250 -11.97 -8.91 3.69
C ILE A 250 -12.17 -10.42 3.68
N GLN A 251 -12.27 -11.00 4.87
CA GLN A 251 -12.42 -12.44 5.01
C GLN A 251 -13.75 -12.93 4.42
N LYS A 252 -14.79 -12.11 4.58
CA LYS A 252 -16.10 -12.46 4.04
C LYS A 252 -16.04 -12.59 2.52
N VAL A 253 -15.40 -11.61 1.88
CA VAL A 253 -15.26 -11.62 0.43
C VAL A 253 -14.43 -12.80 -0.06
N ILE A 254 -13.29 -13.03 0.57
CA ILE A 254 -12.41 -14.12 0.13
C ILE A 254 -13.10 -15.47 0.39
N ASP A 255 -13.80 -15.60 1.51
CA ASP A 255 -14.50 -16.85 1.81
C ASP A 255 -15.61 -17.14 0.82
N GLN A 256 -16.29 -16.09 0.38
CA GLN A 256 -17.43 -16.23 -0.52
C GLN A 256 -17.02 -16.44 -1.97
N PHE A 257 -16.01 -15.70 -2.40
CA PHE A 257 -15.67 -15.62 -3.82
C PHE A 257 -14.33 -16.25 -4.19
N GLY A 258 -13.55 -16.61 -3.19
CA GLY A 258 -12.22 -17.16 -3.42
C GLY A 258 -12.23 -18.66 -3.51
N ASP B 2 5.36 7.83 -21.44
CA ASP B 2 6.40 7.81 -20.42
C ASP B 2 6.70 6.37 -19.97
N PHE B 3 5.74 5.48 -20.17
CA PHE B 3 5.92 4.08 -19.81
C PHE B 3 6.34 3.23 -21.01
N GLU B 4 7.27 2.31 -20.77
CA GLU B 4 7.67 1.36 -21.80
C GLU B 4 6.47 0.49 -22.15
N GLU B 5 6.33 0.20 -23.45
CA GLU B 5 5.24 -0.65 -23.91
C GLU B 5 5.36 -2.02 -23.28
N ILE B 6 4.23 -2.60 -22.92
CA ILE B 6 4.22 -3.94 -22.34
C ILE B 6 3.83 -4.93 -23.44
N PRO B 7 4.25 -6.20 -23.30
CA PRO B 7 3.95 -7.21 -24.33
C PRO B 7 2.48 -7.24 -24.70
N GLU B 8 2.21 -7.41 -26.00
CA GLU B 8 0.85 -7.35 -26.53
C GLU B 8 -0.07 -8.37 -25.86
N GLU B 9 0.49 -9.49 -25.42
CA GLU B 9 -0.30 -10.57 -24.86
C GLU B 9 -1.12 -10.14 -23.64
N LEU B 11 -2.67 -7.22 -23.31
CA LEU B 11 -3.68 -6.23 -23.66
C LEU B 11 -4.86 -6.84 -24.39
N GLN B 12 -4.77 -8.13 -24.72
CA GLN B 12 -5.79 -8.79 -25.53
C GLN B 12 -7.12 -8.89 -24.78
N GLU C 1 -1.55 -16.83 3.88
CA GLU C 1 -0.66 -17.97 3.65
C GLU C 1 0.32 -18.14 4.81
N ALA C 2 0.74 -19.38 5.04
CA ALA C 2 1.63 -19.71 6.14
C ALA C 2 2.98 -19.01 6.02
N ASP C 3 3.36 -18.68 4.79
CA ASP C 3 4.66 -18.07 4.53
C ASP C 3 4.57 -16.55 4.34
N CYS C 4 3.42 -15.96 4.67
CA CYS C 4 3.24 -14.54 4.39
C CYS C 4 4.24 -13.67 5.15
N GLY C 5 4.60 -12.55 4.53
CA GLY C 5 5.36 -11.53 5.21
C GLY C 5 6.82 -11.86 5.49
N LEU C 6 7.33 -12.94 4.87
CA LEU C 6 8.74 -13.29 4.94
C LEU C 6 9.35 -13.10 3.56
N ARG C 7 10.28 -12.17 3.43
CA ARG C 7 10.79 -11.81 2.12
C ARG C 7 11.92 -12.72 1.68
N PRO C 8 11.85 -13.23 0.44
CA PRO C 8 12.90 -14.12 -0.07
C PRO C 8 14.30 -13.54 0.05
N LEU C 9 14.46 -12.25 -0.21
CA LEU C 9 15.81 -11.69 -0.25
C LEU C 9 16.24 -11.09 1.09
N PHE C 10 15.38 -11.17 2.09
CA PHE C 10 15.73 -10.67 3.42
C PHE C 10 15.47 -11.71 4.52
N GLU C 11 14.26 -11.76 5.08
CA GLU C 11 14.01 -12.72 6.17
C GLU C 11 14.39 -14.15 5.82
N LYS C 12 14.11 -14.57 4.59
CA LYS C 12 14.38 -15.95 4.20
C LYS C 12 15.86 -16.30 4.18
N LYS C 13 16.71 -15.27 4.04
N LYS C 13 16.72 -15.30 4.04
CA LYS C 13 18.17 -15.42 4.02
CA LYS C 13 18.16 -15.58 4.09
C LYS C 13 18.82 -14.93 5.31
C LYS C 13 18.82 -14.84 5.25
N SER C 14 18.01 -14.45 6.24
CA SER C 14 18.47 -13.73 7.44
C SER C 14 19.33 -12.50 7.11
N LEU C 15 18.89 -11.75 6.11
CA LEU C 15 19.50 -10.45 5.82
C LEU C 15 18.50 -9.37 6.18
N GLU C 16 19.01 -8.27 6.72
CA GLU C 16 18.14 -7.14 7.06
C GLU C 16 18.25 -6.05 6.02
N ASP C 17 17.16 -5.33 5.79
CA ASP C 17 17.25 -4.20 4.89
C ASP C 17 17.79 -2.99 5.67
N LYS C 18 18.10 -1.92 4.96
CA LYS C 18 18.87 -0.83 5.56
C LYS C 18 18.14 -0.02 6.64
N THR C 19 16.82 -0.08 6.70
CA THR C 19 16.12 0.77 7.66
C THR C 19 15.09 0.04 8.54
N GLU C 20 15.00 -1.28 8.45
CA GLU C 20 14.03 -1.97 9.29
C GLU C 20 14.37 -1.84 10.78
N ARG C 21 15.64 -1.64 11.10
CA ARG C 21 16.01 -1.44 12.51
C ARG C 21 15.33 -0.17 13.07
N GLU C 22 15.11 0.84 12.21
CA GLU C 22 14.40 2.06 12.64
C GLU C 22 13.01 1.71 13.14
N LEU C 23 12.35 0.80 12.45
CA LEU C 23 11.03 0.33 12.87
C LEU C 23 11.13 -0.36 14.23
N LEU C 24 12.05 -1.31 14.35
CA LEU C 24 12.19 -2.10 15.59
C LEU C 24 12.43 -1.19 16.79
N GLU C 25 13.27 -0.18 16.59
CA GLU C 25 13.62 0.72 17.69
C GLU C 25 12.42 1.52 18.18
N SER C 26 11.41 1.68 17.32
CA SER C 26 10.23 2.46 17.66
C SER C 26 9.21 1.62 18.42
N TYR C 27 9.40 0.31 18.39
CA TYR C 27 8.45 -0.60 19.04
C TYR C 27 8.88 -0.80 20.48
N ILE C 28 8.51 0.16 21.31
CA ILE C 28 8.98 0.20 22.69
C ILE C 28 7.97 -0.50 23.61
N ASP C 29 7.28 0.10 24.44
#